data_9EL5
#
_entry.id   9EL5
#
_cell.length_a   80.940
_cell.length_b   89.840
_cell.length_c   93.390
_cell.angle_alpha   90.00
_cell.angle_beta   90.00
_cell.angle_gamma   90.00
#
_symmetry.space_group_name_H-M   'P 21 21 21'
#
loop_
_entity.id
_entity.type
_entity.pdbx_description
1 polymer 'Fanconi anemia group M protein'
2 polymer 'DNA (37-MER)'
3 water water
#
loop_
_entity_poly.entity_id
_entity_poly.type
_entity_poly.pdbx_seq_one_letter_code
_entity_poly.pdbx_strand_id
1 'polypeptide(L)'
;GGGFCTSAGALWIYPTNCPVRDYQLHISRAALFCNTLVCLPTGLGKTFIAAVVMYNFYRWFPSGKVVFMAPTKPLVTQQI
EACYQVMGIPQSHMAEMTGSTQASTRKEIWCSKRVLFLTPQVMVNDLSRGACPAAEIKCLVIDEAHKALGNYAYCQVVRE
LVKYTNHFRILALSATPGSDIKAVQQVITNLLIGQIELRSEDSPDILTYSHERKVEKLIVPLGEELAAIQKTYIQILESF
ARSLIQRNVLMRRDIPNLTKYQIILARDQFRKNPSPNIVGIQQGIIEGEFAICISLYHGYELLQQMGMRSLYFFLCGIMD
GTKGMTRSKNELGRNEDFMKLYNHLECMFARTRSTSANGISAIQQGDKNKKFVYSHPKLKKLEEVVIEHFKSWNAENTTE
KKRDETRVMIFSSFRDSVQEIAEMLSQHQPIIRVMTFVGHASGKSTKGFTQKEQLEVVKQFRDGGYNTLVSTCVGEEGLD
IGEVDLIICFDSQKSPIRLVQRMGRTGRKRQGRIVIILSEGREERIYNQSQSNKRSIYKAISSNRQVLHFYQRSPRMVPD
GINPKLHKMFITH
;
A
2 'polydeoxyribonucleotide'
;(DG)(DG)(DT)(DA)(DT)(DG)(DA)(DG)(DC)(DA)(DC)(DT)(DG)(DC)(DT)(DT)(DA)(DG)(DG)(DC)
(DA)(DG)(DT)(DG)(DC)(DT)(DC)(DA)(DT)(DA)(DC)(DC)(DG)(DC)(DA)(DT)(DG)(DG)(DA)(DG)
(DC)(DT)(DG)
;
P
#
# COMPACT_ATOMS: atom_id res chain seq x y z
N GLY A 2 26.65 20.41 15.53
CA GLY A 2 25.90 19.43 16.37
C GLY A 2 26.54 18.05 16.32
N GLY A 3 27.83 17.97 16.63
CA GLY A 3 28.59 16.70 16.71
C GLY A 3 29.08 16.24 15.35
N PHE A 4 29.07 17.13 14.35
CA PHE A 4 29.53 16.82 12.97
C PHE A 4 31.03 16.52 13.01
N CYS A 5 31.43 15.40 12.39
CA CYS A 5 32.82 14.95 12.30
C CYS A 5 33.50 15.62 11.09
N THR A 6 34.27 16.67 11.35
CA THR A 6 34.99 17.48 10.32
C THR A 6 35.77 16.55 9.38
N SER A 7 36.56 15.61 9.91
CA SER A 7 37.41 14.68 9.11
C SER A 7 36.55 13.84 8.17
N ALA A 8 35.42 13.30 8.64
CA ALA A 8 34.49 12.49 7.83
C ALA A 8 33.79 13.39 6.81
N GLY A 9 33.60 14.67 7.14
CA GLY A 9 32.94 15.70 6.31
C GLY A 9 33.66 15.99 5.01
N ALA A 10 34.95 15.63 4.90
CA ALA A 10 35.78 15.82 3.69
C ALA A 10 35.19 15.00 2.53
N LEU A 11 34.56 13.85 2.83
CA LEU A 11 34.10 12.87 1.83
C LEU A 11 32.63 12.48 2.08
N TRP A 12 31.90 12.15 1.02
CA TRP A 12 30.73 11.25 1.09
C TRP A 12 31.04 9.98 0.30
N ILE A 13 30.83 8.82 0.93
CA ILE A 13 31.25 7.49 0.42
C ILE A 13 30.09 6.88 -0.37
N TYR A 14 30.37 6.41 -1.57
CA TYR A 14 29.38 5.78 -2.48
C TYR A 14 29.86 4.38 -2.84
N PRO A 15 29.06 3.33 -2.54
CA PRO A 15 29.44 1.95 -2.86
C PRO A 15 29.52 1.66 -4.36
N THR A 16 30.53 0.88 -4.76
CA THR A 16 30.74 0.38 -6.15
C THR A 16 30.69 -1.15 -6.17
N ASN A 17 30.22 -1.77 -5.09
CA ASN A 17 30.03 -3.25 -4.99
C ASN A 17 29.20 -3.68 -6.21
N CYS A 18 28.14 -2.92 -6.48
CA CYS A 18 27.26 -3.03 -7.69
C CYS A 18 27.57 -1.87 -8.61
N PRO A 19 27.47 -2.05 -9.95
CA PRO A 19 27.75 -0.97 -10.89
C PRO A 19 27.00 0.32 -10.51
N VAL A 20 27.67 1.46 -10.65
CA VAL A 20 27.11 2.81 -10.36
C VAL A 20 26.05 3.15 -11.42
N ARG A 21 24.86 3.57 -10.98
CA ARG A 21 23.75 4.11 -11.81
C ARG A 21 23.65 5.61 -11.58
N ASP A 22 23.55 6.40 -12.66
CA ASP A 22 23.57 7.89 -12.60
C ASP A 22 22.43 8.38 -11.69
N TYR A 23 21.23 7.86 -11.89
CA TYR A 23 20.03 8.32 -11.15
C TYR A 23 20.24 8.05 -9.64
N GLN A 24 20.86 6.92 -9.26
CA GLN A 24 21.12 6.57 -7.83
C GLN A 24 22.21 7.48 -7.25
N LEU A 25 23.24 7.79 -8.03
CA LEU A 25 24.35 8.70 -7.63
C LEU A 25 23.82 10.12 -7.43
N HIS A 26 23.04 10.63 -8.41
CA HIS A 26 22.47 12.00 -8.38
C HIS A 26 21.50 12.13 -7.20
N ILE A 27 20.58 11.17 -7.04
CA ILE A 27 19.51 11.25 -6.02
C ILE A 27 20.14 11.11 -4.62
N SER A 28 21.08 10.18 -4.44
CA SER A 28 21.84 10.04 -3.16
C SER A 28 22.45 11.38 -2.77
N ARG A 29 23.23 12.02 -3.65
CA ARG A 29 23.88 13.32 -3.40
C ARG A 29 22.84 14.38 -3.01
N ALA A 30 21.79 14.55 -3.81
CA ALA A 30 20.68 15.49 -3.53
C ALA A 30 20.18 15.29 -2.09
N ALA A 31 19.94 14.04 -1.70
CA ALA A 31 19.27 13.68 -0.43
C ALA A 31 20.20 13.96 0.76
N LEU A 32 21.51 14.10 0.53
CA LEU A 32 22.50 14.39 1.61
C LEU A 32 22.30 15.82 2.14
N PHE A 33 21.98 16.78 1.27
CA PHE A 33 22.08 18.24 1.54
C PHE A 33 20.70 18.89 1.73
N CYS A 34 19.62 18.17 1.45
CA CYS A 34 18.23 18.68 1.55
C CYS A 34 17.27 17.53 1.89
N ASN A 35 16.26 17.79 2.72
CA ASN A 35 15.17 16.83 3.02
C ASN A 35 14.50 16.45 1.69
N THR A 36 14.53 15.17 1.31
CA THR A 36 14.11 14.71 -0.03
C THR A 36 13.08 13.59 0.05
N LEU A 37 12.07 13.66 -0.83
CA LEU A 37 11.13 12.56 -1.14
C LEU A 37 11.58 11.92 -2.45
N VAL A 38 12.06 10.68 -2.37
CA VAL A 38 12.57 9.88 -3.52
C VAL A 38 11.42 8.99 -4.00
N CYS A 39 11.02 9.16 -5.26
CA CYS A 39 9.91 8.42 -5.92
C CYS A 39 10.46 7.67 -7.14
N LEU A 40 10.88 6.43 -6.91
CA LEU A 40 11.37 5.51 -7.97
C LEU A 40 10.40 4.34 -8.08
N PRO A 41 10.28 3.72 -9.27
CA PRO A 41 9.57 2.46 -9.39
C PRO A 41 10.16 1.41 -8.44
N THR A 42 9.32 0.52 -7.95
CA THR A 42 9.71 -0.58 -7.03
C THR A 42 10.78 -1.43 -7.72
N GLY A 43 11.88 -1.72 -7.01
CA GLY A 43 12.98 -2.56 -7.49
C GLY A 43 14.10 -1.76 -8.14
N LEU A 44 14.01 -0.43 -8.20
CA LEU A 44 15.01 0.43 -8.89
C LEU A 44 15.93 1.16 -7.90
N GLY A 45 15.81 0.87 -6.61
CA GLY A 45 16.87 1.08 -5.61
C GLY A 45 16.59 2.24 -4.65
N LYS A 46 15.36 2.40 -4.18
CA LYS A 46 15.04 3.33 -3.05
C LYS A 46 15.80 2.89 -1.80
N THR A 47 15.99 1.58 -1.60
CA THR A 47 16.65 1.00 -0.40
C THR A 47 18.15 1.26 -0.49
N PHE A 48 18.73 1.09 -1.68
CA PHE A 48 20.16 1.38 -1.94
C PHE A 48 20.44 2.85 -1.61
N ILE A 49 19.59 3.77 -2.09
CA ILE A 49 19.78 5.24 -1.88
C ILE A 49 19.73 5.54 -0.38
N ALA A 50 18.74 4.99 0.32
CA ALA A 50 18.56 5.16 1.78
C ALA A 50 19.82 4.69 2.51
N ALA A 51 20.37 3.54 2.12
CA ALA A 51 21.56 2.93 2.73
C ALA A 51 22.75 3.89 2.60
N VAL A 52 22.97 4.40 1.39
CA VAL A 52 24.05 5.39 1.08
C VAL A 52 23.89 6.63 1.98
N VAL A 53 22.68 7.20 2.06
CA VAL A 53 22.41 8.43 2.86
C VAL A 53 22.67 8.11 4.34
N MET A 54 22.12 7.01 4.83
CA MET A 54 22.20 6.64 6.27
C MET A 54 23.66 6.40 6.66
N TYR A 55 24.44 5.73 5.81
CA TYR A 55 25.88 5.41 6.06
C TYR A 55 26.68 6.72 6.18
N ASN A 56 26.38 7.71 5.34
CA ASN A 56 27.14 8.99 5.36
C ASN A 56 26.76 9.80 6.59
N PHE A 57 25.51 9.75 7.04
CA PHE A 57 25.07 10.47 8.26
C PHE A 57 25.67 9.77 9.49
N TYR A 58 25.73 8.44 9.47
CA TYR A 58 26.43 7.58 10.46
C TYR A 58 27.89 8.03 10.59
N ARG A 59 28.56 8.27 9.46
CA ARG A 59 29.96 8.75 9.40
C ARG A 59 30.04 10.19 9.92
N TRP A 60 29.16 11.06 9.44
CA TRP A 60 29.21 12.52 9.71
C TRP A 60 28.79 12.85 11.14
N PHE A 61 27.98 12.00 11.78
CA PHE A 61 27.52 12.22 13.19
C PHE A 61 27.80 10.97 14.02
N PRO A 62 29.07 10.73 14.41
CA PRO A 62 29.45 9.50 15.11
C PRO A 62 28.88 9.39 16.54
N SER A 63 28.46 10.50 17.14
CA SER A 63 27.80 10.51 18.48
C SER A 63 26.30 10.71 18.30
N GLY A 64 25.82 10.74 17.05
CA GLY A 64 24.41 10.90 16.68
C GLY A 64 23.77 9.56 16.34
N LYS A 65 22.45 9.55 16.12
CA LYS A 65 21.67 8.34 15.75
C LYS A 65 21.10 8.51 14.34
N VAL A 66 20.99 7.39 13.63
CA VAL A 66 20.27 7.28 12.33
C VAL A 66 19.09 6.32 12.55
N VAL A 67 17.90 6.72 12.12
CA VAL A 67 16.63 5.95 12.35
C VAL A 67 15.97 5.68 11.00
N PHE A 68 15.65 4.41 10.73
CA PHE A 68 14.88 3.93 9.55
C PHE A 68 13.52 3.45 10.04
N MET A 69 12.44 4.01 9.50
CA MET A 69 11.06 3.63 9.86
C MET A 69 10.40 2.93 8.67
N ALA A 70 9.70 1.81 8.94
CA ALA A 70 8.84 1.08 7.99
C ALA A 70 7.51 0.78 8.68
N PRO A 71 6.39 0.68 7.94
CA PRO A 71 5.07 0.50 8.55
C PRO A 71 4.73 -0.89 9.10
N THR A 72 5.52 -1.92 8.77
CA THR A 72 5.25 -3.32 9.22
C THR A 72 6.55 -3.94 9.76
N LYS A 73 6.40 -4.86 10.71
CA LYS A 73 7.52 -5.62 11.32
C LYS A 73 8.29 -6.37 10.24
N PRO A 74 7.64 -7.14 9.33
CA PRO A 74 8.38 -7.83 8.27
C PRO A 74 9.28 -6.86 7.48
N LEU A 75 8.79 -5.65 7.21
CA LEU A 75 9.50 -4.64 6.38
C LEU A 75 10.72 -4.14 7.14
N VAL A 76 10.57 -3.82 8.43
CA VAL A 76 11.71 -3.43 9.30
C VAL A 76 12.84 -4.46 9.11
N THR A 77 12.54 -5.76 9.28
CA THR A 77 13.54 -6.85 9.22
C THR A 77 14.16 -6.92 7.83
N GLN A 78 13.35 -6.90 6.78
CA GLN A 78 13.83 -6.95 5.37
C GLN A 78 14.81 -5.79 5.14
N GLN A 79 14.44 -4.59 5.56
CA GLN A 79 15.16 -3.32 5.25
C GLN A 79 16.47 -3.25 6.03
N ILE A 80 16.51 -3.63 7.31
CA ILE A 80 17.78 -3.61 8.10
C ILE A 80 18.78 -4.53 7.40
N GLU A 81 18.33 -5.72 7.00
CA GLU A 81 19.15 -6.76 6.32
C GLU A 81 19.67 -6.22 4.99
N ALA A 82 18.79 -5.66 4.14
CA ALA A 82 19.13 -5.14 2.80
C ALA A 82 20.08 -3.94 2.92
N CYS A 83 19.85 -3.05 3.88
CA CYS A 83 20.68 -1.84 4.11
C CYS A 83 22.03 -2.22 4.73
N TYR A 84 22.06 -3.23 5.60
CA TYR A 84 23.32 -3.72 6.23
C TYR A 84 24.30 -4.15 5.14
N GLN A 85 23.81 -4.83 4.10
CA GLN A 85 24.63 -5.41 3.01
C GLN A 85 25.31 -4.28 2.21
N VAL A 86 24.66 -3.13 2.06
CA VAL A 86 25.14 -2.02 1.20
C VAL A 86 26.09 -1.11 1.99
N MET A 87 25.83 -0.85 3.27
CA MET A 87 26.56 0.15 4.09
C MET A 87 27.81 -0.49 4.71
N GLY A 88 28.75 0.32 5.17
CA GLY A 88 29.98 -0.13 5.86
C GLY A 88 29.86 0.01 7.36
N ILE A 89 28.72 -0.41 7.92
CA ILE A 89 28.43 -0.32 9.38
C ILE A 89 28.48 -1.74 9.95
N PRO A 90 29.27 -1.99 11.01
CA PRO A 90 29.29 -3.31 11.63
C PRO A 90 27.92 -3.65 12.21
N GLN A 91 27.57 -4.94 12.26
CA GLN A 91 26.26 -5.45 12.77
C GLN A 91 26.01 -4.94 14.19
N SER A 92 27.07 -4.77 15.00
CA SER A 92 27.01 -4.40 16.45
C SER A 92 26.58 -2.94 16.66
N HIS A 93 26.60 -2.11 15.62
CA HIS A 93 26.27 -0.66 15.66
C HIS A 93 24.81 -0.43 15.28
N MET A 94 24.09 -1.49 14.88
CA MET A 94 22.71 -1.48 14.32
C MET A 94 21.81 -2.38 15.19
N ALA A 95 20.51 -2.10 15.21
CA ALA A 95 19.48 -3.02 15.79
C ALA A 95 18.13 -2.80 15.12
N GLU A 96 17.33 -3.86 15.08
CA GLU A 96 15.87 -3.83 14.79
C GLU A 96 15.17 -3.60 16.13
N MET A 97 14.17 -2.71 16.17
CA MET A 97 13.33 -2.49 17.36
C MET A 97 11.85 -2.44 16.94
N THR A 98 11.04 -3.33 17.50
CA THR A 98 9.57 -3.36 17.33
C THR A 98 8.94 -3.60 18.69
N GLY A 99 7.60 -3.68 18.73
CA GLY A 99 6.81 -4.08 19.91
C GLY A 99 7.15 -5.48 20.40
N SER A 100 8.01 -6.22 19.70
CA SER A 100 8.54 -7.54 20.14
C SER A 100 9.72 -7.34 21.08
N THR A 101 10.36 -6.16 21.05
CA THR A 101 11.37 -5.72 22.04
C THR A 101 10.70 -4.85 23.10
N GLN A 102 10.74 -5.29 24.36
CA GLN A 102 10.13 -4.58 25.52
C GLN A 102 10.68 -3.16 25.56
N ALA A 103 9.82 -2.18 25.89
CA ALA A 103 10.17 -0.76 26.03
C ALA A 103 11.42 -0.61 26.91
N SER A 104 11.51 -1.38 28.00
CA SER A 104 12.64 -1.40 28.96
C SER A 104 13.96 -1.67 28.23
N THR A 105 13.99 -2.67 27.36
CA THR A 105 15.20 -3.11 26.60
C THR A 105 15.54 -2.03 25.56
N ARG A 106 14.54 -1.49 24.88
CA ARG A 106 14.69 -0.44 23.83
C ARG A 106 15.55 0.71 24.35
N LYS A 107 15.34 1.15 25.60
CA LYS A 107 16.14 2.24 26.23
C LYS A 107 17.63 1.89 26.17
N GLU A 108 18.01 0.65 26.48
CA GLU A 108 19.42 0.17 26.42
C GLU A 108 19.89 0.10 24.96
N ILE A 109 19.03 -0.35 24.04
CA ILE A 109 19.40 -0.48 22.59
C ILE A 109 19.63 0.93 22.03
N TRP A 110 18.71 1.87 22.27
CA TRP A 110 18.85 3.30 21.86
C TRP A 110 20.24 3.84 22.25
N CYS A 111 20.65 3.63 23.50
N CYS A 111 20.63 3.64 23.51
CA CYS A 111 21.90 4.18 24.08
CA CYS A 111 21.90 4.14 24.10
C CYS A 111 23.14 3.50 23.47
C CYS A 111 23.10 3.52 23.38
N SER A 112 23.09 2.19 23.20
CA SER A 112 24.27 1.38 22.79
C SER A 112 24.42 1.30 21.26
N LYS A 113 23.37 1.57 20.48
CA LYS A 113 23.41 1.43 19.00
C LYS A 113 23.42 2.82 18.33
N ARG A 114 23.93 2.90 17.11
CA ARG A 114 23.98 4.18 16.33
C ARG A 114 22.92 4.21 15.23
N VAL A 115 22.53 3.06 14.68
CA VAL A 115 21.50 2.96 13.60
C VAL A 115 20.35 2.10 14.11
N LEU A 116 19.11 2.60 14.01
CA LEU A 116 17.90 1.85 14.45
C LEU A 116 16.85 1.77 13.34
N PHE A 117 16.38 0.55 13.11
CA PHE A 117 15.28 0.18 12.18
C PHE A 117 14.09 -0.22 13.05
N LEU A 118 12.98 0.51 12.94
CA LEU A 118 11.83 0.31 13.86
C LEU A 118 10.51 0.64 13.16
N THR A 119 9.41 0.24 13.78
CA THR A 119 8.03 0.68 13.47
C THR A 119 7.86 2.09 14.02
N PRO A 120 7.09 2.97 13.36
CA PRO A 120 6.97 4.35 13.81
C PRO A 120 6.29 4.50 15.18
N GLN A 121 5.42 3.58 15.56
CA GLN A 121 4.66 3.62 16.84
C GLN A 121 5.67 3.46 18.00
N VAL A 122 6.68 2.61 17.81
CA VAL A 122 7.78 2.39 18.80
C VAL A 122 8.51 3.73 19.01
N MET A 123 8.82 4.42 17.92
CA MET A 123 9.52 5.72 17.89
C MET A 123 8.70 6.76 18.65
N VAL A 124 7.41 6.88 18.33
CA VAL A 124 6.46 7.80 19.01
C VAL A 124 6.51 7.53 20.52
N ASN A 125 6.34 6.27 20.92
CA ASN A 125 6.30 5.84 22.35
C ASN A 125 7.62 6.17 23.02
N ASP A 126 8.75 5.82 22.39
CA ASP A 126 10.11 6.00 22.95
C ASP A 126 10.45 7.49 23.04
N LEU A 127 9.95 8.32 22.13
CA LEU A 127 10.17 9.80 22.17
C LEU A 127 9.44 10.38 23.38
N SER A 128 8.14 10.08 23.52
CA SER A 128 7.26 10.62 24.59
C SER A 128 7.76 10.19 25.97
N ARG A 129 8.24 8.95 26.11
CA ARG A 129 8.63 8.34 27.42
C ARG A 129 10.11 8.62 27.71
N GLY A 130 10.83 9.29 26.80
CA GLY A 130 12.24 9.72 26.99
C GLY A 130 13.22 8.56 26.87
N ALA A 131 12.80 7.42 26.29
CA ALA A 131 13.68 6.27 26.01
C ALA A 131 14.55 6.57 24.80
N CYS A 132 13.98 7.22 23.79
CA CYS A 132 14.69 7.77 22.60
C CYS A 132 15.36 9.08 22.96
N PRO A 133 16.69 9.20 22.79
CA PRO A 133 17.39 10.47 23.01
C PRO A 133 17.14 11.41 21.82
N ALA A 134 16.00 12.09 21.85
CA ALA A 134 15.45 12.88 20.71
C ALA A 134 16.54 13.78 20.10
N ALA A 135 17.34 14.46 20.94
CA ALA A 135 18.33 15.49 20.54
C ALA A 135 19.44 14.90 19.66
N GLU A 136 19.71 13.59 19.77
CA GLU A 136 20.84 12.90 19.09
C GLU A 136 20.43 12.38 17.70
N ILE A 137 19.16 12.51 17.31
CA ILE A 137 18.67 12.03 15.97
C ILE A 137 19.11 13.03 14.90
N LYS A 138 19.93 12.58 13.94
CA LYS A 138 20.52 13.43 12.88
C LYS A 138 19.98 13.03 11.49
N CYS A 139 19.37 11.85 11.38
CA CYS A 139 18.87 11.30 10.09
C CYS A 139 17.67 10.39 10.35
N LEU A 140 16.54 10.67 9.70
CA LEU A 140 15.28 9.91 9.82
C LEU A 140 14.82 9.49 8.42
N VAL A 141 14.86 8.20 8.13
CA VAL A 141 14.44 7.62 6.81
C VAL A 141 13.03 7.06 6.99
N ILE A 142 12.10 7.45 6.10
CA ILE A 142 10.67 7.07 6.17
C ILE A 142 10.32 6.29 4.90
N ASP A 143 10.11 4.98 5.03
CA ASP A 143 9.74 4.09 3.90
C ASP A 143 8.22 4.11 3.77
N GLU A 144 7.69 3.94 2.55
CA GLU A 144 6.24 3.98 2.24
C GLU A 144 5.67 5.30 2.74
N ALA A 145 6.30 6.41 2.36
CA ALA A 145 6.13 7.76 2.98
C ALA A 145 4.76 8.34 2.63
N HIS A 146 4.09 7.79 1.61
CA HIS A 146 2.69 8.12 1.21
C HIS A 146 1.73 7.87 2.39
N LYS A 147 2.12 7.06 3.37
CA LYS A 147 1.32 6.77 4.59
C LYS A 147 1.39 7.93 5.59
N ALA A 148 2.28 8.91 5.39
CA ALA A 148 2.47 10.07 6.27
C ALA A 148 1.31 11.07 6.06
N LEU A 149 0.09 10.65 6.40
CA LEU A 149 -1.17 11.43 6.26
C LEU A 149 -1.89 11.47 7.61
N GLY A 150 -2.58 12.59 7.90
CA GLY A 150 -3.33 12.80 9.13
C GLY A 150 -2.48 12.53 10.36
N ASN A 151 -2.95 11.65 11.24
CA ASN A 151 -2.31 11.33 12.55
C ASN A 151 -1.62 9.97 12.49
N TYR A 152 -1.23 9.49 11.29
CA TYR A 152 -0.41 8.26 11.18
C TYR A 152 0.89 8.48 11.96
N ALA A 153 1.44 7.40 12.52
CA ALA A 153 2.61 7.42 13.43
C ALA A 153 3.78 8.19 12.81
N TYR A 154 3.97 8.11 11.48
CA TYR A 154 5.00 8.90 10.75
C TYR A 154 4.82 10.39 11.08
N CYS A 155 3.62 10.94 10.92
CA CYS A 155 3.35 12.37 11.21
C CYS A 155 3.63 12.67 12.67
N GLN A 156 3.26 11.75 13.56
CA GLN A 156 3.42 11.91 15.04
C GLN A 156 4.92 11.96 15.37
N VAL A 157 5.73 11.11 14.74
CA VAL A 157 7.20 11.07 15.00
C VAL A 157 7.79 12.46 14.75
N VAL A 158 7.48 13.08 13.61
CA VAL A 158 8.13 14.35 13.20
C VAL A 158 7.64 15.49 14.12
N ARG A 159 6.33 15.53 14.42
CA ARG A 159 5.72 16.56 15.31
C ARG A 159 6.36 16.52 16.70
N GLU A 160 6.62 15.31 17.23
N GLU A 160 6.62 15.31 17.22
CA GLU A 160 7.24 15.11 18.56
CA GLU A 160 7.24 15.11 18.56
C GLU A 160 8.74 15.44 18.48
C GLU A 160 8.74 15.44 18.48
N LEU A 161 9.45 14.93 17.47
CA LEU A 161 10.92 15.13 17.32
C LEU A 161 11.29 16.62 17.31
N VAL A 162 10.52 17.46 16.61
CA VAL A 162 10.80 18.91 16.38
C VAL A 162 10.78 19.68 17.70
N LYS A 163 10.15 19.15 18.76
CA LYS A 163 10.18 19.74 20.12
C LYS A 163 11.61 19.72 20.66
N TYR A 164 12.42 18.76 20.23
CA TYR A 164 13.75 18.43 20.81
C TYR A 164 14.89 18.93 19.90
N THR A 165 14.71 18.92 18.58
CA THR A 165 15.78 19.24 17.60
C THR A 165 15.19 19.57 16.23
N ASN A 166 15.78 20.55 15.54
CA ASN A 166 15.53 20.86 14.10
C ASN A 166 16.71 20.35 13.26
N HIS A 167 17.77 19.86 13.91
CA HIS A 167 19.06 19.51 13.26
C HIS A 167 19.08 18.02 12.90
N PHE A 168 18.22 17.61 11.97
CA PHE A 168 18.22 16.24 11.38
C PHE A 168 17.80 16.32 9.91
N ARG A 169 18.26 15.36 9.13
CA ARG A 169 17.86 15.11 7.72
C ARG A 169 16.64 14.19 7.73
N ILE A 170 15.68 14.44 6.84
CA ILE A 170 14.57 13.50 6.51
C ILE A 170 14.76 13.02 5.07
N LEU A 171 14.70 11.70 4.89
CA LEU A 171 14.63 11.01 3.58
C LEU A 171 13.33 10.20 3.57
N ALA A 172 12.40 10.55 2.69
CA ALA A 172 11.11 9.86 2.49
C ALA A 172 11.21 9.06 1.18
N LEU A 173 10.78 7.80 1.20
CA LEU A 173 10.78 6.88 0.04
C LEU A 173 9.34 6.48 -0.29
N SER A 174 8.88 6.73 -1.52
CA SER A 174 7.54 6.31 -2.01
C SER A 174 7.53 6.22 -3.54
N ALA A 175 7.21 5.04 -4.07
CA ALA A 175 6.95 4.83 -5.51
C ALA A 175 5.69 5.59 -5.94
N THR A 176 4.79 5.88 -5.00
CA THR A 176 3.44 6.44 -5.23
C THR A 176 3.14 7.50 -4.17
N PRO A 177 3.71 8.73 -4.30
CA PRO A 177 3.67 9.70 -3.21
C PRO A 177 2.27 10.04 -2.69
N GLY A 178 1.24 9.99 -3.54
CA GLY A 178 -0.14 10.25 -3.11
C GLY A 178 -1.18 9.94 -4.19
N SER A 179 -2.44 9.79 -3.77
CA SER A 179 -3.60 9.51 -4.65
C SER A 179 -3.89 10.74 -5.53
N ASP A 180 -3.56 11.94 -5.06
CA ASP A 180 -3.74 13.22 -5.77
C ASP A 180 -2.71 14.22 -5.24
N ILE A 181 -2.67 15.43 -5.82
CA ILE A 181 -1.73 16.51 -5.41
C ILE A 181 -1.94 16.85 -3.93
N LYS A 182 -3.20 16.99 -3.51
CA LYS A 182 -3.57 17.36 -2.12
C LYS A 182 -2.86 16.42 -1.14
N ALA A 183 -2.87 15.12 -1.41
CA ALA A 183 -2.21 14.08 -0.58
C ALA A 183 -0.69 14.25 -0.65
N VAL A 184 -0.14 14.51 -1.84
CA VAL A 184 1.33 14.68 -2.04
C VAL A 184 1.79 15.90 -1.24
N GLN A 185 1.01 16.99 -1.26
CA GLN A 185 1.31 18.24 -0.51
C GLN A 185 1.32 17.95 1.00
N GLN A 186 0.36 17.15 1.49
CA GLN A 186 0.27 16.77 2.92
C GLN A 186 1.53 16.00 3.33
N VAL A 187 1.98 15.07 2.50
CA VAL A 187 3.22 14.26 2.76
C VAL A 187 4.41 15.23 2.84
N ILE A 188 4.49 16.19 1.91
CA ILE A 188 5.61 17.18 1.85
C ILE A 188 5.60 18.00 3.14
N THR A 189 4.44 18.52 3.52
CA THR A 189 4.25 19.36 4.73
C THR A 189 4.59 18.55 5.98
N ASN A 190 4.07 17.33 6.07
CA ASN A 190 4.14 16.47 7.30
C ASN A 190 5.59 16.01 7.54
N LEU A 191 6.38 15.84 6.46
CA LEU A 191 7.73 15.22 6.53
C LEU A 191 8.81 16.24 6.19
N LEU A 192 8.45 17.54 6.13
CA LEU A 192 9.40 18.67 5.94
C LEU A 192 10.22 18.46 4.67
N ILE A 193 9.58 18.07 3.57
CA ILE A 193 10.28 17.72 2.30
C ILE A 193 10.65 19.03 1.57
N GLY A 194 11.92 19.18 1.20
CA GLY A 194 12.45 20.37 0.50
C GLY A 194 12.42 20.20 -1.02
N GLN A 195 12.38 18.96 -1.51
CA GLN A 195 12.42 18.67 -2.97
C GLN A 195 11.97 17.23 -3.23
N ILE A 196 11.48 16.95 -4.43
CA ILE A 196 11.17 15.57 -4.91
C ILE A 196 12.22 15.18 -5.96
N GLU A 197 12.73 13.96 -5.87
CA GLU A 197 13.60 13.30 -6.89
C GLU A 197 12.81 12.11 -7.41
N LEU A 198 12.24 12.26 -8.61
CA LEU A 198 11.26 11.32 -9.19
C LEU A 198 11.80 10.77 -10.52
N ARG A 199 11.68 9.46 -10.70
CA ARG A 199 11.87 8.78 -12.00
C ARG A 199 10.64 7.90 -12.22
N SER A 200 10.12 7.84 -13.45
CA SER A 200 8.99 6.96 -13.85
C SER A 200 9.55 5.79 -14.65
N GLU A 201 8.74 4.74 -14.85
CA GLU A 201 9.05 3.61 -15.76
C GLU A 201 9.42 4.16 -17.15
N ASP A 202 8.76 5.24 -17.56
CA ASP A 202 8.97 5.96 -18.86
C ASP A 202 10.38 6.58 -18.92
N SER A 203 10.96 6.96 -17.78
CA SER A 203 12.25 7.69 -17.69
C SER A 203 13.31 6.92 -18.46
N PRO A 204 14.06 7.56 -19.39
CA PRO A 204 15.06 6.86 -20.19
C PRO A 204 16.10 6.14 -19.31
N ASP A 205 16.66 6.86 -18.34
CA ASP A 205 17.71 6.37 -17.39
C ASP A 205 17.19 5.21 -16.55
N ILE A 206 15.88 4.94 -16.57
CA ILE A 206 15.23 3.78 -15.87
C ILE A 206 15.04 2.62 -16.86
N LEU A 207 14.72 2.92 -18.13
CA LEU A 207 14.44 1.92 -19.20
C LEU A 207 15.64 0.97 -19.34
N THR A 208 16.86 1.50 -19.21
CA THR A 208 18.13 0.71 -19.26
C THR A 208 18.08 -0.41 -18.22
N TYR A 209 17.69 -0.08 -16.98
CA TYR A 209 17.77 -0.97 -15.80
C TYR A 209 16.44 -1.66 -15.54
N SER A 210 15.47 -1.57 -16.44
CA SER A 210 14.10 -2.10 -16.21
C SER A 210 13.34 -2.31 -17.53
N HIS A 211 12.95 -3.56 -17.84
CA HIS A 211 12.01 -3.90 -18.94
C HIS A 211 10.73 -3.08 -18.75
N GLU A 212 10.28 -2.35 -19.76
CA GLU A 212 8.90 -1.81 -19.81
C GLU A 212 7.95 -3.02 -19.75
N ARG A 213 6.84 -2.88 -19.04
CA ARG A 213 5.81 -3.94 -18.87
C ARG A 213 4.47 -3.42 -19.38
N LYS A 214 3.87 -4.13 -20.33
CA LYS A 214 2.62 -3.70 -21.02
C LYS A 214 1.41 -4.24 -20.25
N VAL A 215 0.39 -3.38 -20.10
CA VAL A 215 -0.89 -3.67 -19.40
C VAL A 215 -1.88 -4.19 -20.45
N GLU A 216 -2.43 -5.39 -20.23
CA GLU A 216 -3.57 -5.93 -21.01
C GLU A 216 -4.85 -5.69 -20.22
N LYS A 217 -5.90 -5.21 -20.89
CA LYS A 217 -7.26 -5.04 -20.32
C LYS A 217 -8.17 -6.13 -20.89
N LEU A 218 -8.87 -6.83 -20.01
CA LEU A 218 -9.96 -7.76 -20.38
C LEU A 218 -11.27 -7.18 -19.84
N ILE A 219 -12.14 -6.72 -20.73
CA ILE A 219 -13.46 -6.14 -20.38
C ILE A 219 -14.47 -7.28 -20.41
N VAL A 220 -15.19 -7.49 -19.31
CA VAL A 220 -16.15 -8.62 -19.14
C VAL A 220 -17.55 -8.05 -18.97
N PRO A 221 -18.50 -8.34 -19.89
CA PRO A 221 -19.89 -7.94 -19.70
C PRO A 221 -20.48 -8.65 -18.46
N LEU A 222 -21.37 -7.96 -17.74
CA LEU A 222 -21.92 -8.42 -16.43
C LEU A 222 -22.70 -9.72 -16.62
N GLY A 223 -23.34 -9.91 -17.77
CA GLY A 223 -24.11 -11.14 -18.07
C GLY A 223 -25.51 -11.11 -17.48
N GLU A 224 -26.39 -11.96 -18.01
CA GLU A 224 -27.86 -11.94 -17.76
C GLU A 224 -28.15 -12.14 -16.26
N GLU A 225 -27.53 -13.12 -15.63
CA GLU A 225 -27.88 -13.58 -14.25
C GLU A 225 -27.67 -12.43 -13.26
N LEU A 226 -26.48 -11.83 -13.27
CA LEU A 226 -26.08 -10.75 -12.31
C LEU A 226 -26.78 -9.45 -12.67
N ALA A 227 -27.03 -9.19 -13.96
CA ALA A 227 -27.84 -8.04 -14.43
C ALA A 227 -29.22 -8.08 -13.77
N ALA A 228 -29.85 -9.26 -13.75
CA ALA A 228 -31.21 -9.49 -13.19
C ALA A 228 -31.21 -9.27 -11.67
N ILE A 229 -30.18 -9.77 -10.98
CA ILE A 229 -30.06 -9.60 -9.50
C ILE A 229 -29.81 -8.12 -9.21
N GLN A 230 -28.90 -7.50 -9.97
CA GLN A 230 -28.58 -6.05 -9.88
C GLN A 230 -29.88 -5.23 -9.96
N LYS A 231 -30.75 -5.56 -10.92
CA LYS A 231 -32.03 -4.84 -11.16
C LYS A 231 -32.93 -4.96 -9.91
N THR A 232 -33.02 -6.15 -9.31
CA THR A 232 -33.77 -6.37 -8.04
C THR A 232 -33.11 -5.57 -6.93
N TYR A 233 -31.76 -5.54 -6.89
CA TYR A 233 -30.97 -4.90 -5.80
C TYR A 233 -31.25 -3.39 -5.81
N ILE A 234 -31.31 -2.78 -7.00
CA ILE A 234 -31.51 -1.31 -7.18
C ILE A 234 -32.83 -0.89 -6.53
N GLN A 235 -33.88 -1.70 -6.67
CA GLN A 235 -35.23 -1.40 -6.09
C GLN A 235 -35.16 -1.54 -4.56
N ILE A 236 -34.46 -2.56 -4.04
CA ILE A 236 -34.21 -2.72 -2.57
C ILE A 236 -33.46 -1.48 -2.07
N LEU A 237 -32.41 -1.07 -2.79
CA LEU A 237 -31.59 0.14 -2.49
C LEU A 237 -32.52 1.37 -2.43
N GLU A 238 -33.39 1.53 -3.42
CA GLU A 238 -34.31 2.70 -3.57
C GLU A 238 -35.21 2.80 -2.33
N SER A 239 -35.81 1.69 -1.91
CA SER A 239 -36.79 1.62 -0.79
C SER A 239 -36.14 2.05 0.53
N PHE A 240 -34.87 1.68 0.76
CA PHE A 240 -34.15 1.92 2.04
C PHE A 240 -33.46 3.29 2.03
N ALA A 241 -33.34 3.95 0.89
CA ALA A 241 -32.65 5.25 0.72
C ALA A 241 -33.65 6.41 0.64
N ARG A 242 -34.94 6.12 0.45
CA ARG A 242 -36.01 7.16 0.27
C ARG A 242 -36.05 8.08 1.47
N SER A 243 -36.09 7.51 2.68
CA SER A 243 -36.07 8.22 3.98
C SER A 243 -34.96 9.28 3.98
N LEU A 244 -33.76 8.93 3.47
CA LEU A 244 -32.59 9.86 3.41
C LEU A 244 -32.82 10.92 2.33
N ILE A 245 -33.54 10.59 1.26
CA ILE A 245 -33.93 11.55 0.18
C ILE A 245 -34.92 12.55 0.76
N GLN A 246 -35.91 12.06 1.50
CA GLN A 246 -37.02 12.85 2.10
C GLN A 246 -36.49 13.67 3.30
N ARG A 247 -35.54 13.12 4.06
CA ARG A 247 -34.86 13.83 5.19
C ARG A 247 -33.92 14.90 4.63
N ASN A 248 -33.52 14.77 3.35
CA ASN A 248 -32.66 15.74 2.63
C ASN A 248 -31.20 15.59 3.09
N VAL A 249 -30.89 14.52 3.85
CA VAL A 249 -29.52 14.20 4.33
C VAL A 249 -28.72 13.59 3.17
N LEU A 250 -29.41 12.99 2.19
CA LEU A 250 -28.82 12.43 0.95
C LEU A 250 -29.34 13.25 -0.24
N MET A 251 -28.42 13.77 -1.06
CA MET A 251 -28.65 14.81 -2.11
C MET A 251 -29.90 14.48 -2.95
N ARG A 252 -30.07 13.21 -3.33
CA ARG A 252 -31.14 12.64 -4.19
C ARG A 252 -30.54 12.20 -5.54
N ARG A 253 -29.20 12.27 -5.68
CA ARG A 253 -28.48 11.80 -6.89
C ARG A 253 -28.89 10.35 -7.19
N ASP A 254 -28.98 9.99 -8.48
CA ASP A 254 -29.56 8.71 -8.97
C ASP A 254 -29.09 7.55 -8.10
N ILE A 255 -30.05 6.80 -7.53
CA ILE A 255 -29.85 5.64 -6.61
C ILE A 255 -28.89 4.64 -7.26
N PRO A 256 -29.09 4.26 -8.54
CA PRO A 256 -28.22 3.26 -9.19
C PRO A 256 -26.75 3.67 -9.36
N ASN A 257 -26.45 4.98 -9.30
CA ASN A 257 -25.11 5.55 -9.60
C ASN A 257 -24.37 5.93 -8.32
N LEU A 258 -25.05 5.96 -7.17
CA LEU A 258 -24.43 6.31 -5.86
C LEU A 258 -23.49 5.18 -5.42
N THR A 259 -22.52 5.52 -4.57
CA THR A 259 -21.47 4.62 -4.02
C THR A 259 -21.57 4.65 -2.50
N LYS A 260 -21.08 3.61 -1.81
CA LYS A 260 -21.07 3.52 -0.33
C LYS A 260 -20.25 4.67 0.24
N TYR A 261 -19.21 5.11 -0.50
CA TYR A 261 -18.28 6.20 -0.11
C TYR A 261 -19.03 7.53 -0.09
N GLN A 262 -19.93 7.76 -1.04
CA GLN A 262 -20.72 9.01 -1.15
C GLN A 262 -21.69 9.07 0.04
N ILE A 263 -22.18 7.94 0.53
CA ILE A 263 -23.18 7.87 1.65
C ILE A 263 -22.44 8.01 2.99
N ILE A 264 -21.25 7.43 3.12
CA ILE A 264 -20.36 7.58 4.32
C ILE A 264 -20.01 9.07 4.46
N LEU A 265 -19.82 9.78 3.34
CA LEU A 265 -19.54 11.25 3.34
C LEU A 265 -20.79 12.02 3.76
N ALA A 266 -21.96 11.68 3.20
CA ALA A 266 -23.26 12.29 3.55
C ALA A 266 -23.54 12.09 5.04
N ARG A 267 -23.23 10.91 5.58
CA ARG A 267 -23.37 10.57 7.02
C ARG A 267 -22.41 11.42 7.86
N ASP A 268 -21.17 11.62 7.39
CA ASP A 268 -20.11 12.37 8.12
C ASP A 268 -20.49 13.86 8.16
N GLN A 269 -20.98 14.40 7.04
CA GLN A 269 -21.47 15.81 6.93
C GLN A 269 -22.68 16.01 7.85
N PHE A 270 -23.46 14.96 8.11
CA PHE A 270 -24.64 14.96 9.03
C PHE A 270 -24.16 14.95 10.48
N ARG A 271 -23.14 14.15 10.81
CA ARG A 271 -22.62 13.97 12.19
C ARG A 271 -21.90 15.22 12.69
N LYS A 272 -21.90 16.31 11.90
CA LYS A 272 -21.29 17.61 12.26
C LYS A 272 -22.28 18.75 11.97
N ASN A 273 -23.59 18.48 12.17
CA ASN A 273 -24.72 19.42 11.90
C ASN A 273 -26.00 18.87 12.55
N VAL A 279 -31.51 15.29 17.40
CA VAL A 279 -31.47 15.12 18.88
C VAL A 279 -32.44 13.99 19.29
N GLY A 280 -32.01 13.12 20.21
CA GLY A 280 -32.83 12.05 20.80
C GLY A 280 -33.25 11.00 19.78
N ILE A 281 -34.56 10.72 19.69
CA ILE A 281 -35.18 9.68 18.81
C ILE A 281 -34.70 9.87 17.37
N GLN A 282 -34.71 11.11 16.87
CA GLN A 282 -34.35 11.48 15.47
C GLN A 282 -32.97 10.93 15.12
N GLN A 283 -31.93 11.29 15.90
CA GLN A 283 -30.53 10.85 15.68
C GLN A 283 -30.49 9.34 15.44
N GLY A 284 -31.16 8.57 16.31
CA GLY A 284 -31.22 7.10 16.27
C GLY A 284 -31.75 6.57 14.94
N ILE A 285 -32.83 7.16 14.42
CA ILE A 285 -33.53 6.67 13.19
C ILE A 285 -32.67 7.00 11.96
N ILE A 286 -32.07 8.20 11.93
CA ILE A 286 -31.23 8.68 10.78
C ILE A 286 -29.96 7.82 10.72
N GLU A 287 -29.24 7.75 11.84
CA GLU A 287 -28.04 6.88 12.03
C GLU A 287 -28.38 5.45 11.56
N GLY A 288 -29.53 4.94 11.99
CA GLY A 288 -30.07 3.61 11.62
C GLY A 288 -30.26 3.50 10.11
N GLU A 289 -30.88 4.51 9.49
CA GLU A 289 -31.16 4.53 8.03
C GLU A 289 -29.83 4.58 7.26
N PHE A 290 -28.91 5.46 7.68
CA PHE A 290 -27.56 5.64 7.09
C PHE A 290 -26.79 4.31 7.12
N ALA A 291 -26.74 3.66 8.30
CA ALA A 291 -26.00 2.40 8.52
C ALA A 291 -26.55 1.31 7.60
N ILE A 292 -27.89 1.24 7.45
CA ILE A 292 -28.56 0.24 6.57
C ILE A 292 -28.16 0.51 5.10
N CYS A 293 -28.20 1.77 4.68
N CYS A 293 -28.21 1.78 4.69
CA CYS A 293 -27.91 2.19 3.28
CA CYS A 293 -27.92 2.25 3.31
C CYS A 293 -26.43 1.93 2.96
C CYS A 293 -26.45 1.96 2.95
N ILE A 294 -25.52 2.28 3.87
CA ILE A 294 -24.06 2.10 3.65
C ILE A 294 -23.77 0.60 3.47
N SER A 295 -24.38 -0.26 4.29
CA SER A 295 -24.26 -1.74 4.21
C SER A 295 -24.82 -2.23 2.87
N LEU A 296 -26.02 -1.78 2.49
CA LEU A 296 -26.67 -2.22 1.22
C LEU A 296 -25.80 -1.79 0.02
N TYR A 297 -25.27 -0.56 0.03
CA TYR A 297 -24.41 -0.02 -1.06
C TYR A 297 -23.05 -0.73 -1.08
N HIS A 298 -22.54 -1.15 0.09
CA HIS A 298 -21.39 -2.08 0.17
C HIS A 298 -21.75 -3.36 -0.60
N GLY A 299 -22.86 -3.99 -0.22
CA GLY A 299 -23.38 -5.21 -0.87
C GLY A 299 -23.49 -5.04 -2.37
N TYR A 300 -24.00 -3.89 -2.81
CA TYR A 300 -24.22 -3.50 -4.23
C TYR A 300 -22.89 -3.46 -4.99
N GLU A 301 -21.88 -2.85 -4.37
CA GLU A 301 -20.49 -2.80 -4.89
C GLU A 301 -19.93 -4.24 -5.00
N LEU A 302 -20.08 -5.06 -3.94
CA LEU A 302 -19.65 -6.48 -3.94
C LEU A 302 -20.29 -7.22 -5.13
N LEU A 303 -21.59 -7.04 -5.34
CA LEU A 303 -22.36 -7.71 -6.43
C LEU A 303 -21.74 -7.33 -7.79
N GLN A 304 -21.50 -6.03 -8.01
CA GLN A 304 -21.02 -5.46 -9.31
C GLN A 304 -19.58 -5.90 -9.59
N GLN A 305 -18.72 -5.88 -8.58
CA GLN A 305 -17.24 -6.01 -8.69
C GLN A 305 -16.75 -7.42 -8.34
N MET A 306 -17.36 -8.05 -7.32
CA MET A 306 -16.84 -9.30 -6.68
C MET A 306 -17.75 -10.49 -6.99
N GLY A 307 -19.08 -10.29 -6.98
CA GLY A 307 -20.08 -11.32 -7.37
C GLY A 307 -21.05 -11.66 -6.27
N MET A 308 -21.86 -12.69 -6.50
CA MET A 308 -23.03 -13.06 -5.66
C MET A 308 -22.58 -13.75 -4.37
N ARG A 309 -21.45 -14.48 -4.40
CA ARG A 309 -20.92 -15.21 -3.22
C ARG A 309 -20.42 -14.19 -2.20
N SER A 310 -19.71 -13.15 -2.65
CA SER A 310 -19.23 -12.05 -1.77
C SER A 310 -20.43 -11.32 -1.17
N LEU A 311 -21.42 -10.97 -1.99
CA LEU A 311 -22.68 -10.33 -1.52
C LEU A 311 -23.30 -11.19 -0.41
N TYR A 312 -23.45 -12.50 -0.65
CA TYR A 312 -24.12 -13.44 0.27
C TYR A 312 -23.41 -13.42 1.63
N PHE A 313 -22.10 -13.67 1.62
CA PHE A 313 -21.26 -13.81 2.84
C PHE A 313 -21.39 -12.54 3.69
N PHE A 314 -21.34 -11.36 3.06
CA PHE A 314 -21.49 -10.05 3.73
C PHE A 314 -22.87 -9.97 4.40
N LEU A 315 -23.93 -10.28 3.64
CA LEU A 315 -25.33 -10.21 4.13
C LEU A 315 -25.52 -11.18 5.30
N CYS A 316 -24.92 -12.37 5.20
N CYS A 316 -24.96 -12.39 5.20
CA CYS A 316 -24.96 -13.46 6.24
CA CYS A 316 -24.97 -13.44 6.26
C CYS A 316 -24.37 -12.96 7.56
C CYS A 316 -24.43 -12.88 7.57
N GLY A 317 -23.32 -12.11 7.50
CA GLY A 317 -22.72 -11.48 8.68
C GLY A 317 -23.72 -10.58 9.40
N ILE A 318 -24.61 -9.94 8.64
CA ILE A 318 -25.67 -9.03 9.15
C ILE A 318 -26.85 -9.87 9.67
N MET A 319 -27.31 -10.84 8.88
CA MET A 319 -28.52 -11.65 9.19
C MET A 319 -28.22 -12.74 10.23
N ASP A 320 -26.95 -12.93 10.62
CA ASP A 320 -26.55 -13.77 11.79
C ASP A 320 -26.71 -12.96 13.07
N GLY A 324 -27.65 -12.16 17.90
CA GLY A 324 -27.71 -10.68 18.01
C GLY A 324 -28.86 -10.11 17.19
N MET A 325 -29.42 -8.97 17.62
CA MET A 325 -30.51 -8.25 16.91
C MET A 325 -30.12 -6.77 16.71
N THR A 326 -29.32 -6.51 15.68
CA THR A 326 -29.09 -5.16 15.09
C THR A 326 -30.45 -4.63 14.60
N ARG A 327 -30.59 -3.31 14.46
CA ARG A 327 -31.79 -2.71 13.82
C ARG A 327 -31.78 -3.12 12.33
N SER A 328 -30.60 -3.10 11.71
CA SER A 328 -30.35 -3.51 10.30
C SER A 328 -30.97 -4.89 10.06
N LYS A 329 -30.61 -5.87 10.89
CA LYS A 329 -31.10 -7.28 10.81
C LYS A 329 -32.63 -7.29 10.84
N ASN A 330 -33.24 -6.57 11.78
CA ASN A 330 -34.72 -6.54 11.99
C ASN A 330 -35.38 -5.93 10.75
N GLU A 331 -34.97 -4.72 10.34
CA GLU A 331 -35.52 -3.95 9.19
C GLU A 331 -35.46 -4.79 7.92
N LEU A 332 -34.25 -5.19 7.51
CA LEU A 332 -33.99 -5.99 6.29
C LEU A 332 -34.84 -7.27 6.34
N GLY A 333 -35.03 -7.82 7.55
CA GLY A 333 -35.83 -9.03 7.80
C GLY A 333 -37.31 -8.84 7.49
N ARG A 334 -37.79 -7.60 7.52
CA ARG A 334 -39.21 -7.23 7.28
C ARG A 334 -39.43 -6.91 5.79
N ASN A 335 -38.39 -7.01 4.95
CA ASN A 335 -38.44 -6.74 3.48
C ASN A 335 -38.43 -8.09 2.74
N GLU A 336 -39.45 -8.36 1.93
CA GLU A 336 -39.65 -9.68 1.26
C GLU A 336 -38.64 -9.85 0.12
N ASP A 337 -38.37 -8.79 -0.65
CA ASP A 337 -37.40 -8.82 -1.80
C ASP A 337 -36.00 -9.12 -1.26
N PHE A 338 -35.60 -8.44 -0.18
CA PHE A 338 -34.29 -8.71 0.49
C PHE A 338 -34.25 -10.18 0.89
N MET A 339 -35.25 -10.65 1.64
CA MET A 339 -35.30 -12.02 2.20
C MET A 339 -35.39 -13.04 1.06
N LYS A 340 -36.11 -12.70 -0.03
CA LYS A 340 -36.17 -13.52 -1.27
C LYS A 340 -34.75 -13.66 -1.81
N LEU A 341 -34.07 -12.53 -2.04
CA LEU A 341 -32.68 -12.50 -2.57
C LEU A 341 -31.75 -13.27 -1.63
N TYR A 342 -31.79 -12.94 -0.33
CA TYR A 342 -30.90 -13.54 0.70
C TYR A 342 -31.10 -15.06 0.73
N ASN A 343 -32.36 -15.51 0.78
CA ASN A 343 -32.72 -16.95 0.81
C ASN A 343 -32.26 -17.62 -0.51
N HIS A 344 -32.36 -16.91 -1.63
CA HIS A 344 -31.90 -17.40 -2.96
C HIS A 344 -30.38 -17.62 -2.93
N LEU A 345 -29.62 -16.65 -2.42
CA LEU A 345 -28.13 -16.73 -2.32
C LEU A 345 -27.75 -17.83 -1.32
N GLU A 346 -28.53 -17.99 -0.25
CA GLU A 346 -28.34 -19.06 0.78
C GLU A 346 -28.33 -20.43 0.08
N CYS A 347 -29.37 -20.71 -0.71
CA CYS A 347 -29.52 -21.97 -1.50
C CYS A 347 -28.33 -22.16 -2.43
N MET A 348 -28.03 -21.14 -3.25
CA MET A 348 -26.93 -21.13 -4.26
C MET A 348 -25.61 -21.52 -3.59
N PHE A 349 -25.36 -21.02 -2.38
CA PHE A 349 -24.11 -21.24 -1.60
C PHE A 349 -24.46 -21.88 -0.25
N LYS A 371 -20.60 -28.84 -7.91
CA LYS A 371 -19.44 -28.25 -8.64
C LYS A 371 -19.05 -26.92 -7.98
N PHE A 372 -18.22 -26.12 -8.65
CA PHE A 372 -17.91 -24.71 -8.27
C PHE A 372 -18.89 -23.77 -8.99
N VAL A 373 -19.47 -22.83 -8.25
CA VAL A 373 -20.38 -21.77 -8.78
C VAL A 373 -19.55 -20.54 -9.15
N TYR A 374 -19.64 -20.11 -10.41
CA TYR A 374 -19.00 -18.89 -10.96
C TYR A 374 -19.91 -17.69 -10.70
N SER A 375 -19.73 -17.04 -9.54
CA SER A 375 -20.65 -16.00 -8.99
C SER A 375 -20.41 -14.64 -9.65
N HIS A 376 -19.41 -14.52 -10.52
CA HIS A 376 -19.17 -13.34 -11.39
C HIS A 376 -18.50 -13.81 -12.68
N PRO A 377 -18.93 -13.28 -13.85
CA PRO A 377 -18.26 -13.61 -15.12
C PRO A 377 -16.75 -13.31 -15.12
N LYS A 378 -16.31 -12.31 -14.34
CA LYS A 378 -14.88 -11.99 -14.18
C LYS A 378 -14.12 -13.23 -13.71
N LEU A 379 -14.72 -14.05 -12.83
CA LEU A 379 -14.03 -15.24 -12.25
C LEU A 379 -13.74 -16.26 -13.36
N LYS A 380 -14.71 -16.52 -14.24
CA LYS A 380 -14.52 -17.47 -15.38
C LYS A 380 -13.38 -16.96 -16.26
N LYS A 381 -13.36 -15.66 -16.55
CA LYS A 381 -12.31 -15.01 -17.39
C LYS A 381 -10.95 -15.13 -16.69
N LEU A 382 -10.90 -14.90 -15.38
CA LEU A 382 -9.67 -15.02 -14.56
C LEU A 382 -9.13 -16.46 -14.68
N GLU A 383 -10.00 -17.46 -14.50
CA GLU A 383 -9.61 -18.88 -14.57
C GLU A 383 -9.00 -19.19 -15.95
N GLU A 384 -9.63 -18.71 -17.03
CA GLU A 384 -9.14 -18.91 -18.43
C GLU A 384 -7.71 -18.37 -18.54
N VAL A 385 -7.49 -17.13 -18.12
CA VAL A 385 -6.16 -16.46 -18.23
C VAL A 385 -5.12 -17.29 -17.49
N VAL A 386 -5.42 -17.75 -16.27
CA VAL A 386 -4.43 -18.47 -15.41
C VAL A 386 -4.13 -19.83 -16.04
N ILE A 387 -5.15 -20.60 -16.44
CA ILE A 387 -5.01 -21.93 -17.11
C ILE A 387 -4.12 -21.80 -18.35
N GLU A 388 -4.41 -20.82 -19.21
CA GLU A 388 -3.67 -20.61 -20.49
C GLU A 388 -2.21 -20.28 -20.19
N HIS A 389 -1.94 -19.48 -19.15
CA HIS A 389 -0.56 -19.12 -18.72
C HIS A 389 0.22 -20.40 -18.36
N PHE A 390 -0.35 -21.29 -17.56
CA PHE A 390 0.33 -22.54 -17.10
C PHE A 390 0.46 -23.51 -18.27
N LYS A 391 -0.55 -23.57 -19.14
CA LYS A 391 -0.52 -24.39 -20.38
C LYS A 391 0.68 -23.95 -21.24
N SER A 392 0.74 -22.65 -21.58
CA SER A 392 1.78 -22.05 -22.44
C SER A 392 3.17 -22.19 -21.80
N TRP A 393 3.28 -22.08 -20.48
CA TRP A 393 4.56 -22.17 -19.74
C TRP A 393 5.11 -23.61 -19.77
N ASN A 394 4.27 -24.60 -19.45
CA ASN A 394 4.65 -26.04 -19.38
C ASN A 394 4.95 -26.57 -20.79
N ALA A 395 4.25 -26.05 -21.81
CA ALA A 395 4.44 -26.41 -23.24
C ALA A 395 5.85 -26.03 -23.72
N GLU A 396 6.41 -24.93 -23.19
CA GLU A 396 7.74 -24.37 -23.59
C GLU A 396 8.87 -25.32 -23.14
N ASN A 397 8.59 -26.30 -22.28
CA ASN A 397 9.53 -27.38 -21.88
C ASN A 397 10.05 -28.09 -23.13
N ARG A 403 11.54 -24.38 -17.16
CA ARG A 403 11.46 -25.50 -16.18
C ARG A 403 11.48 -24.94 -14.74
N ASP A 404 12.15 -23.81 -14.53
CA ASP A 404 11.95 -22.96 -13.32
C ASP A 404 10.45 -22.60 -13.25
N GLU A 405 9.77 -22.99 -12.17
CA GLU A 405 8.32 -22.75 -11.99
C GLU A 405 7.99 -21.29 -12.32
N THR A 406 6.84 -21.06 -12.93
CA THR A 406 6.26 -19.70 -13.13
C THR A 406 5.71 -19.21 -11.79
N ARG A 407 5.48 -17.90 -11.66
CA ARG A 407 4.83 -17.31 -10.48
C ARG A 407 3.71 -16.39 -10.94
N VAL A 408 2.52 -16.57 -10.35
CA VAL A 408 1.27 -15.81 -10.66
C VAL A 408 0.79 -15.19 -9.35
N MET A 409 0.61 -13.87 -9.35
CA MET A 409 -0.01 -13.13 -8.22
C MET A 409 -1.30 -12.50 -8.73
N ILE A 410 -2.41 -12.76 -8.02
CA ILE A 410 -3.75 -12.21 -8.33
C ILE A 410 -4.15 -11.31 -7.16
N PHE A 411 -4.56 -10.09 -7.46
CA PHE A 411 -4.96 -9.05 -6.46
C PHE A 411 -6.47 -8.83 -6.52
N SER A 412 -7.15 -9.10 -5.40
CA SER A 412 -8.55 -8.70 -5.12
C SER A 412 -8.62 -8.16 -3.69
N SER A 413 -9.33 -7.05 -3.49
CA SER A 413 -9.31 -6.25 -2.24
C SER A 413 -10.02 -7.00 -1.09
N PHE A 414 -10.97 -7.87 -1.40
CA PHE A 414 -11.88 -8.48 -0.40
C PHE A 414 -11.47 -9.93 -0.12
N ARG A 415 -11.55 -10.29 1.17
CA ARG A 415 -11.14 -11.62 1.71
C ARG A 415 -12.00 -12.73 1.13
N ASP A 416 -13.30 -12.50 0.93
CA ASP A 416 -14.26 -13.51 0.40
C ASP A 416 -13.92 -13.80 -1.07
N SER A 417 -13.63 -12.77 -1.86
N SER A 417 -13.62 -12.76 -1.85
CA SER A 417 -13.18 -12.86 -3.28
CA SER A 417 -13.18 -12.85 -3.27
C SER A 417 -11.90 -13.69 -3.35
C SER A 417 -11.89 -13.67 -3.37
N VAL A 418 -10.91 -13.37 -2.50
CA VAL A 418 -9.56 -14.01 -2.47
C VAL A 418 -9.73 -15.51 -2.21
N GLN A 419 -10.55 -15.88 -1.23
CA GLN A 419 -10.86 -17.29 -0.86
C GLN A 419 -11.63 -17.95 -2.02
N GLU A 420 -12.60 -17.24 -2.61
CA GLU A 420 -13.41 -17.77 -3.75
C GLU A 420 -12.50 -18.02 -4.97
N ILE A 421 -11.67 -17.05 -5.32
CA ILE A 421 -10.69 -17.16 -6.44
C ILE A 421 -9.77 -18.36 -6.16
N ALA A 422 -9.22 -18.48 -4.95
CA ALA A 422 -8.35 -19.60 -4.53
C ALA A 422 -9.10 -20.93 -4.71
N GLU A 423 -10.35 -21.03 -4.21
CA GLU A 423 -11.13 -22.28 -4.35
C GLU A 423 -11.32 -22.60 -5.83
N MET A 424 -11.67 -21.60 -6.65
CA MET A 424 -11.86 -21.77 -8.12
C MET A 424 -10.61 -22.39 -8.72
N LEU A 425 -9.44 -21.83 -8.42
CA LEU A 425 -8.15 -22.26 -9.05
C LEU A 425 -7.66 -23.57 -8.44
N SER A 426 -8.14 -23.95 -7.24
CA SER A 426 -7.76 -25.21 -6.54
C SER A 426 -8.25 -26.43 -7.34
N GLN A 427 -9.27 -26.25 -8.18
CA GLN A 427 -9.82 -27.32 -9.06
C GLN A 427 -8.70 -27.87 -9.97
N HIS A 428 -7.69 -27.06 -10.28
CA HIS A 428 -6.58 -27.40 -11.21
C HIS A 428 -5.31 -27.82 -10.43
N GLN A 429 -5.40 -28.06 -9.12
CA GLN A 429 -4.26 -28.53 -8.31
C GLN A 429 -3.88 -29.93 -8.78
N PRO A 430 -2.58 -30.32 -8.82
CA PRO A 430 -1.46 -29.46 -8.42
C PRO A 430 -0.73 -28.76 -9.58
N ILE A 431 -1.37 -28.60 -10.74
CA ILE A 431 -0.82 -27.79 -11.86
C ILE A 431 -0.76 -26.34 -11.39
N ILE A 432 -1.88 -25.87 -10.84
CA ILE A 432 -1.96 -24.59 -10.07
C ILE A 432 -1.89 -24.94 -8.58
N ARG A 433 -0.90 -24.39 -7.88
CA ARG A 433 -0.73 -24.55 -6.42
C ARG A 433 -1.02 -23.19 -5.79
N VAL A 434 -2.30 -22.95 -5.50
CA VAL A 434 -2.80 -21.62 -5.03
C VAL A 434 -2.74 -21.57 -3.51
N MET A 435 -2.37 -20.42 -2.97
CA MET A 435 -2.56 -20.05 -1.56
C MET A 435 -3.03 -18.59 -1.53
N THR A 436 -3.88 -18.25 -0.56
CA THR A 436 -4.37 -16.88 -0.32
C THR A 436 -3.30 -16.13 0.49
N PHE A 437 -3.33 -14.80 0.43
CA PHE A 437 -2.43 -13.92 1.20
C PHE A 437 -3.28 -12.76 1.76
N VAL A 438 -3.55 -12.81 3.06
CA VAL A 438 -4.50 -11.90 3.77
C VAL A 438 -3.82 -11.37 5.06
N GLY A 439 -4.36 -10.30 5.62
CA GLY A 439 -3.85 -9.64 6.84
C GLY A 439 -4.16 -10.42 8.11
N HIS A 440 -3.91 -9.81 9.27
CA HIS A 440 -3.89 -10.44 10.62
C HIS A 440 -5.30 -10.70 11.18
N ALA A 441 -6.26 -9.81 10.94
CA ALA A 441 -7.63 -9.85 11.52
C ALA A 441 -8.38 -11.09 11.04
N SER A 442 -9.22 -11.69 11.89
CA SER A 442 -10.00 -12.92 11.57
C SER A 442 -11.19 -12.58 10.67
N THR A 446 -11.99 -18.02 7.50
CA THR A 446 -11.42 -16.64 7.34
C THR A 446 -10.74 -16.22 8.65
N LYS A 447 -9.72 -16.97 9.07
CA LYS A 447 -9.04 -16.84 10.40
C LYS A 447 -8.02 -15.69 10.36
N GLY A 448 -7.50 -15.34 9.19
CA GLY A 448 -6.41 -14.36 9.04
C GLY A 448 -5.06 -15.00 9.28
N PHE A 449 -3.98 -14.35 8.83
CA PHE A 449 -2.59 -14.85 8.91
C PHE A 449 -1.78 -14.00 9.89
N THR A 450 -1.02 -14.64 10.78
CA THR A 450 -0.04 -13.98 11.69
C THR A 450 1.16 -13.54 10.84
N GLN A 451 2.00 -12.65 11.38
CA GLN A 451 3.26 -12.21 10.75
C GLN A 451 4.06 -13.45 10.32
N LYS A 452 4.16 -14.46 11.18
CA LYS A 452 4.94 -15.69 10.93
C LYS A 452 4.31 -16.49 9.78
N GLU A 453 2.98 -16.64 9.78
CA GLU A 453 2.23 -17.44 8.78
C GLU A 453 2.37 -16.78 7.40
N GLN A 454 2.33 -15.45 7.33
CA GLN A 454 2.52 -14.67 6.09
C GLN A 454 3.89 -14.99 5.50
N LEU A 455 4.95 -14.96 6.32
CA LEU A 455 6.36 -15.17 5.87
C LEU A 455 6.50 -16.59 5.29
N GLU A 456 5.84 -17.57 5.90
CA GLU A 456 5.86 -18.99 5.43
C GLU A 456 5.23 -19.09 4.05
N VAL A 457 4.08 -18.42 3.84
CA VAL A 457 3.38 -18.40 2.52
C VAL A 457 4.32 -17.77 1.48
N VAL A 458 4.99 -16.65 1.81
CA VAL A 458 5.93 -15.95 0.88
C VAL A 458 7.08 -16.90 0.52
N LYS A 459 7.70 -17.55 1.52
CA LYS A 459 8.81 -18.51 1.32
C LYS A 459 8.32 -19.69 0.48
N GLN A 460 7.09 -20.18 0.73
CA GLN A 460 6.46 -21.27 -0.05
C GLN A 460 6.26 -20.80 -1.51
N PHE A 461 5.82 -19.56 -1.71
CA PHE A 461 5.61 -18.95 -3.05
C PHE A 461 6.96 -18.87 -3.79
N ARG A 462 7.98 -18.33 -3.12
CA ARG A 462 9.35 -18.15 -3.70
C ARG A 462 9.94 -19.50 -4.16
N ASP A 463 9.71 -20.56 -3.38
CA ASP A 463 10.35 -21.88 -3.59
C ASP A 463 9.47 -22.76 -4.49
N GLY A 464 8.30 -22.29 -4.91
CA GLY A 464 7.44 -22.99 -5.88
C GLY A 464 6.50 -24.01 -5.22
N GLY A 465 6.55 -24.16 -3.90
CA GLY A 465 5.52 -24.88 -3.12
C GLY A 465 4.13 -24.40 -3.53
N TYR A 466 3.91 -23.09 -3.51
CA TYR A 466 2.79 -22.43 -4.22
C TYR A 466 3.39 -21.73 -5.44
N ASN A 467 2.67 -21.75 -6.57
CA ASN A 467 3.04 -21.00 -7.80
C ASN A 467 2.04 -19.87 -8.04
N THR A 468 0.95 -19.81 -7.27
CA THR A 468 -0.13 -18.80 -7.43
C THR A 468 -0.53 -18.26 -6.05
N LEU A 469 -0.50 -16.95 -5.93
CA LEU A 469 -0.87 -16.20 -4.70
C LEU A 469 -2.06 -15.31 -5.03
N VAL A 470 -3.12 -15.36 -4.19
CA VAL A 470 -4.31 -14.49 -4.31
C VAL A 470 -4.32 -13.58 -3.07
N SER A 471 -4.14 -12.27 -3.28
CA SER A 471 -3.71 -11.33 -2.21
C SER A 471 -4.65 -10.14 -2.08
N THR A 472 -4.95 -9.74 -0.85
CA THR A 472 -5.51 -8.42 -0.47
C THR A 472 -4.37 -7.39 -0.51
N CYS A 473 -4.59 -6.19 0.01
CA CYS A 473 -3.63 -5.05 -0.09
C CYS A 473 -2.35 -5.35 0.68
N VAL A 474 -2.37 -6.31 1.62
CA VAL A 474 -1.17 -6.74 2.41
C VAL A 474 -0.04 -7.19 1.46
N GLY A 475 -0.36 -7.74 0.29
CA GLY A 475 0.64 -8.25 -0.67
C GLY A 475 1.17 -7.17 -1.61
N GLU A 476 0.66 -5.94 -1.53
CA GLU A 476 0.94 -4.84 -2.49
C GLU A 476 2.15 -4.02 -2.01
N GLU A 477 2.44 -4.04 -0.70
CA GLU A 477 3.36 -3.06 -0.06
C GLU A 477 4.50 -3.76 0.68
N GLY A 478 5.73 -3.33 0.37
CA GLY A 478 6.93 -3.61 1.17
C GLY A 478 7.52 -4.98 0.88
N LEU A 479 7.01 -6.01 1.56
CA LEU A 479 7.62 -7.37 1.56
C LEU A 479 8.01 -7.75 0.13
N ASP A 480 9.29 -8.05 -0.09
CA ASP A 480 9.82 -8.57 -1.37
C ASP A 480 9.26 -9.98 -1.57
N ILE A 481 8.14 -10.10 -2.28
CA ILE A 481 7.50 -11.40 -2.66
C ILE A 481 8.45 -12.12 -3.61
N GLY A 482 9.18 -11.35 -4.42
CA GLY A 482 10.00 -11.83 -5.54
C GLY A 482 9.44 -11.35 -6.86
N GLU A 483 10.13 -11.61 -7.97
CA GLU A 483 9.63 -11.25 -9.32
C GLU A 483 8.57 -12.29 -9.72
N VAL A 484 7.53 -11.82 -10.39
CA VAL A 484 6.31 -12.59 -10.76
C VAL A 484 6.13 -12.45 -12.27
N ASP A 485 5.75 -13.54 -12.94
CA ASP A 485 5.66 -13.64 -14.42
C ASP A 485 4.32 -13.07 -14.91
N LEU A 486 3.28 -13.19 -14.08
CA LEU A 486 1.90 -12.75 -14.40
C LEU A 486 1.29 -12.13 -13.16
N ILE A 487 0.93 -10.86 -13.25
CA ILE A 487 0.13 -10.13 -12.24
C ILE A 487 -1.27 -9.90 -12.82
N ILE A 488 -2.31 -10.28 -12.07
CA ILE A 488 -3.73 -10.04 -12.47
C ILE A 488 -4.39 -9.15 -11.42
N CYS A 489 -5.00 -8.05 -11.85
CA CYS A 489 -5.81 -7.13 -11.02
C CYS A 489 -7.29 -7.42 -11.25
N PHE A 490 -7.96 -7.96 -10.23
CA PHE A 490 -9.36 -8.43 -10.30
C PHE A 490 -10.31 -7.24 -10.07
N ASP A 491 -9.87 -6.22 -9.32
CA ASP A 491 -10.62 -4.96 -9.10
C ASP A 491 -9.73 -3.77 -9.47
N SER A 492 -10.33 -2.59 -9.53
N SER A 492 -10.34 -2.58 -9.52
CA SER A 492 -9.68 -1.29 -9.85
CA SER A 492 -9.69 -1.30 -9.87
C SER A 492 -10.17 -0.22 -8.88
C SER A 492 -10.18 -0.20 -8.90
N GLN A 493 -9.30 0.75 -8.56
CA GLN A 493 -9.62 1.90 -7.66
C GLN A 493 -9.40 3.18 -8.46
N LYS A 494 -10.08 4.27 -8.08
CA LYS A 494 -9.87 5.62 -8.68
C LYS A 494 -8.47 6.14 -8.35
N SER A 495 -8.01 6.01 -7.10
CA SER A 495 -6.62 6.32 -6.67
C SER A 495 -5.63 5.43 -7.43
N PRO A 496 -4.57 6.00 -8.04
CA PRO A 496 -3.58 5.22 -8.78
C PRO A 496 -2.57 4.44 -7.92
N ILE A 497 -2.54 4.66 -6.61
CA ILE A 497 -1.46 4.15 -5.71
C ILE A 497 -1.38 2.61 -5.83
N ARG A 498 -2.49 1.92 -5.62
CA ARG A 498 -2.50 0.45 -5.42
C ARG A 498 -2.19 -0.24 -6.75
N LEU A 499 -2.68 0.33 -7.86
CA LEU A 499 -2.41 -0.21 -9.21
C LEU A 499 -0.90 -0.22 -9.45
N VAL A 500 -0.22 0.90 -9.18
CA VAL A 500 1.26 1.03 -9.38
C VAL A 500 1.97 0.04 -8.45
N GLN A 501 1.51 -0.11 -7.20
CA GLN A 501 2.12 -1.04 -6.22
C GLN A 501 1.95 -2.47 -6.74
N ARG A 502 0.74 -2.84 -7.15
CA ARG A 502 0.42 -4.18 -7.71
C ARG A 502 1.34 -4.48 -8.89
N MET A 503 1.53 -3.52 -9.81
CA MET A 503 2.38 -3.69 -11.02
C MET A 503 3.86 -3.76 -10.65
N GLY A 504 4.23 -3.31 -9.45
CA GLY A 504 5.63 -3.31 -8.96
C GLY A 504 6.18 -4.70 -8.70
N ARG A 505 5.31 -5.71 -8.58
CA ARG A 505 5.67 -7.10 -8.21
C ARG A 505 6.24 -7.87 -9.41
N THR A 506 6.16 -7.28 -10.62
CA THR A 506 6.88 -7.72 -11.84
C THR A 506 7.87 -6.62 -12.21
N GLY A 507 8.91 -6.93 -13.00
CA GLY A 507 9.94 -5.94 -13.37
C GLY A 507 11.00 -6.49 -14.32
N ARG A 508 12.25 -6.06 -14.12
CA ARG A 508 13.39 -6.28 -15.05
C ARG A 508 13.74 -7.78 -15.10
N LYS A 509 14.33 -8.30 -14.03
CA LYS A 509 14.95 -9.66 -13.95
C LYS A 509 14.31 -10.58 -14.99
N ARG A 510 12.97 -10.63 -15.03
CA ARG A 510 12.16 -11.38 -16.02
C ARG A 510 11.03 -10.47 -16.51
N GLN A 511 11.00 -10.18 -17.82
CA GLN A 511 9.91 -9.39 -18.45
C GLN A 511 8.58 -10.03 -18.05
N GLY A 512 7.74 -9.29 -17.32
CA GLY A 512 6.48 -9.80 -16.75
C GLY A 512 5.28 -9.31 -17.53
N ARG A 513 4.11 -9.86 -17.22
CA ARG A 513 2.81 -9.56 -17.88
C ARG A 513 1.84 -9.08 -16.81
N ILE A 514 1.10 -8.01 -17.11
CA ILE A 514 0.09 -7.37 -16.22
C ILE A 514 -1.25 -7.41 -16.92
N VAL A 515 -2.21 -8.14 -16.36
CA VAL A 515 -3.60 -8.27 -16.88
C VAL A 515 -4.56 -7.61 -15.89
N ILE A 516 -5.49 -6.82 -16.42
CA ILE A 516 -6.51 -6.10 -15.60
C ILE A 516 -7.89 -6.52 -16.11
N ILE A 517 -8.63 -7.23 -15.27
CA ILE A 517 -9.99 -7.78 -15.57
C ILE A 517 -11.02 -6.78 -15.04
N LEU A 518 -11.75 -6.13 -15.94
CA LEU A 518 -12.76 -5.08 -15.63
C LEU A 518 -14.13 -5.52 -16.15
N SER A 519 -15.19 -5.37 -15.35
CA SER A 519 -16.58 -5.41 -15.83
C SER A 519 -16.82 -4.18 -16.71
N GLU A 520 -17.63 -4.31 -17.77
CA GLU A 520 -17.88 -3.18 -18.71
C GLU A 520 -18.71 -2.12 -17.99
N GLY A 521 -18.54 -0.86 -18.34
CA GLY A 521 -19.24 0.29 -17.73
C GLY A 521 -18.34 1.04 -16.76
N ARG A 522 -18.74 1.07 -15.48
CA ARG A 522 -18.09 1.86 -14.40
C ARG A 522 -16.64 1.40 -14.20
N GLU A 523 -16.40 0.11 -13.99
CA GLU A 523 -15.06 -0.45 -13.66
C GLU A 523 -14.04 -0.01 -14.72
N GLU A 524 -14.44 0.09 -15.99
CA GLU A 524 -13.60 0.56 -17.10
C GLU A 524 -13.25 2.05 -16.91
N ARG A 525 -14.19 2.85 -16.39
CA ARG A 525 -14.02 4.31 -16.16
C ARG A 525 -13.11 4.54 -14.94
N ILE A 526 -13.31 3.77 -13.87
CA ILE A 526 -12.48 3.83 -12.62
C ILE A 526 -11.02 3.61 -13.01
N TYR A 527 -10.75 2.61 -13.86
CA TYR A 527 -9.39 2.28 -14.35
C TYR A 527 -8.83 3.44 -15.18
N ASN A 528 -9.62 3.95 -16.13
CA ASN A 528 -9.20 5.08 -17.00
C ASN A 528 -8.90 6.31 -16.11
N GLN A 529 -9.71 6.54 -15.06
CA GLN A 529 -9.51 7.65 -14.11
C GLN A 529 -8.19 7.45 -13.34
N SER A 530 -7.92 6.26 -12.81
CA SER A 530 -6.69 5.98 -12.02
C SER A 530 -5.45 6.26 -12.86
N GLN A 531 -5.47 5.89 -14.14
CA GLN A 531 -4.33 6.13 -15.07
C GLN A 531 -4.19 7.63 -15.32
N SER A 532 -5.31 8.36 -15.48
CA SER A 532 -5.34 9.83 -15.68
C SER A 532 -4.81 10.55 -14.42
N ASN A 533 -5.24 10.09 -13.25
CA ASN A 533 -4.83 10.62 -11.92
C ASN A 533 -3.32 10.41 -11.75
N LYS A 534 -2.78 9.28 -12.21
CA LYS A 534 -1.33 8.95 -12.16
C LYS A 534 -0.54 9.99 -12.97
N ARG A 535 -0.97 10.25 -14.20
CA ARG A 535 -0.33 11.23 -15.13
C ARG A 535 -0.45 12.64 -14.54
N SER A 536 -1.60 12.99 -13.95
CA SER A 536 -1.85 14.32 -13.33
C SER A 536 -0.80 14.59 -12.27
N ILE A 537 -0.58 13.61 -11.38
CA ILE A 537 0.40 13.69 -10.24
C ILE A 537 1.82 13.85 -10.82
N TYR A 538 2.18 13.05 -11.82
CA TYR A 538 3.52 13.10 -12.46
C TYR A 538 3.77 14.53 -12.99
N LYS A 539 2.83 15.05 -13.77
CA LYS A 539 2.91 16.41 -14.40
C LYS A 539 3.15 17.46 -13.31
N ALA A 540 2.34 17.44 -12.25
CA ALA A 540 2.38 18.42 -11.13
C ALA A 540 3.75 18.38 -10.45
N ILE A 541 4.31 17.19 -10.25
CA ILE A 541 5.64 16.97 -9.59
C ILE A 541 6.77 17.46 -10.51
N SER A 542 6.62 17.29 -11.82
CA SER A 542 7.68 17.57 -12.83
C SER A 542 7.57 19.00 -13.38
N SER A 543 6.41 19.65 -13.23
CA SER A 543 6.07 20.97 -13.85
C SER A 543 7.05 22.06 -13.39
N ASN A 544 7.36 23.00 -14.29
CA ASN A 544 8.20 24.20 -14.05
C ASN A 544 7.47 25.16 -13.09
N ARG A 545 6.15 25.29 -13.22
CA ARG A 545 5.30 26.07 -12.30
C ARG A 545 5.24 25.37 -10.94
N GLN A 546 5.29 26.12 -9.84
CA GLN A 546 5.28 25.58 -8.46
C GLN A 546 3.85 25.19 -8.09
N VAL A 547 3.48 23.95 -8.43
CA VAL A 547 2.18 23.33 -8.02
C VAL A 547 2.27 22.99 -6.52
N LEU A 548 3.45 22.54 -6.07
CA LEU A 548 3.68 22.01 -4.70
C LEU A 548 4.50 23.03 -3.90
N HIS A 549 4.13 23.20 -2.63
CA HIS A 549 4.82 24.09 -1.65
C HIS A 549 5.72 23.22 -0.77
N PHE A 550 7.03 23.28 -1.04
CA PHE A 550 8.10 22.56 -0.30
C PHE A 550 8.48 23.35 0.95
N TYR A 551 8.89 22.64 2.00
CA TYR A 551 9.56 23.19 3.20
C TYR A 551 10.92 23.73 2.77
N GLN A 552 11.20 25.00 3.09
N GLN A 552 11.20 25.00 3.07
CA GLN A 552 12.38 25.75 2.59
CA GLN A 552 12.40 25.72 2.57
C GLN A 552 13.49 25.80 3.66
C GLN A 552 13.46 25.85 3.68
N ARG A 553 13.24 25.26 4.86
CA ARG A 553 14.18 25.37 6.01
C ARG A 553 14.83 24.01 6.35
N SER A 554 14.87 23.08 5.40
CA SER A 554 15.69 21.83 5.52
C SER A 554 17.10 22.24 5.91
N PRO A 555 17.66 21.72 7.02
CA PRO A 555 19.03 22.02 7.41
C PRO A 555 20.04 21.38 6.45
N ARG A 556 21.12 22.12 6.12
CA ARG A 556 22.21 21.60 5.26
C ARG A 556 22.86 20.39 5.95
N MET A 557 22.98 20.46 7.29
CA MET A 557 23.54 19.43 8.19
C MET A 557 25.07 19.42 8.10
N VAL A 558 25.64 19.39 6.88
CA VAL A 558 27.10 19.62 6.67
C VAL A 558 27.34 21.11 6.88
N PRO A 559 28.28 21.51 7.77
CA PRO A 559 28.57 22.92 8.02
C PRO A 559 28.87 23.69 6.72
N ASP A 560 28.51 24.97 6.67
CA ASP A 560 28.55 25.83 5.45
C ASP A 560 29.97 25.90 4.87
N GLY A 561 31.01 25.70 5.69
CA GLY A 561 32.41 25.71 5.22
C GLY A 561 32.78 24.47 4.40
N ILE A 562 32.12 23.33 4.64
CA ILE A 562 32.58 21.99 4.19
C ILE A 562 31.81 21.56 2.93
N ASN A 563 32.54 21.20 1.87
CA ASN A 563 32.01 20.74 0.57
C ASN A 563 32.45 19.29 0.37
N PRO A 564 31.69 18.31 0.90
CA PRO A 564 32.10 16.91 0.85
C PRO A 564 32.29 16.42 -0.59
N LYS A 565 33.43 15.77 -0.85
CA LYS A 565 33.83 15.27 -2.20
C LYS A 565 33.41 13.80 -2.32
N LEU A 566 32.89 13.41 -3.49
CA LEU A 566 32.53 12.02 -3.84
C LEU A 566 33.75 11.12 -3.67
N HIS A 567 33.59 10.01 -2.94
CA HIS A 567 34.59 8.93 -2.82
C HIS A 567 33.90 7.59 -3.07
N LYS A 568 34.11 7.04 -4.27
CA LYS A 568 33.60 5.70 -4.66
C LYS A 568 34.56 4.63 -4.10
N MET A 569 34.01 3.58 -3.50
CA MET A 569 34.84 2.44 -3.02
C MET A 569 34.00 1.17 -2.85
N PHE A 570 34.66 0.02 -2.99
CA PHE A 570 34.11 -1.30 -2.61
C PHE A 570 34.04 -1.34 -1.08
N ILE A 571 32.82 -1.32 -0.54
CA ILE A 571 32.53 -1.49 0.92
C ILE A 571 32.67 -2.98 1.28
N THR A 572 33.51 -3.29 2.27
CA THR A 572 33.76 -4.66 2.79
C THR A 572 33.40 -4.67 4.27
N HIS A 573 32.66 -5.70 4.72
CA HIS A 573 32.21 -5.88 6.14
C HIS A 573 33.33 -6.53 6.95
#